data_1MAQ
#
_entry.id   1MAQ
#
_cell.length_a   70.000
_cell.length_b   92.100
_cell.length_c   128.900
_cell.angle_alpha   90.00
_cell.angle_beta   90.00
_cell.angle_gamma   90.00
#
_symmetry.space_group_name_H-M   'C 2 2 21'
#
loop_
_entity.id
_entity.type
_entity.pdbx_description
1 polymer 'ASPARTATE AMINOTRANSFERASE'
2 non-polymer 'N-({3-hydroxy-2-methyl-5-[(phosphonooxy)methyl]pyridin-4-yl}methyl)-L-glutamic acid'
3 water water
#
_entity_poly.entity_id   1
_entity_poly.type   'polypeptide(L)'
_entity_poly.pdbx_seq_one_letter_code
;SSWWSHVEMGPPDPILGVTEAFKRDTNSKKMNLGVGAYRDDNGKPYVLNCVRKAEAMIAAKKMDKEYLPIAGLADFTRAS
AELALGENSEAFKSGRYVTVQGISGTGSLRVGANFLQRFFKFSRDVYLPKPSWGNHTPIFRDAGLQLQAYRYYDPKTCSL
DFTGAMEDISKIPEKSIILLHACAHNPTGVDPRQEQWKELASVVKKRNLLAYFDMAYQGFASGDINRDAWALRHFIEQGI
DVVLSQSYAKNMGLYGERAGAFTVICRDAEEAKRVESQLKILIRPMYSNPPMNGARIASLILNTPELRKEWLVEVKGMAD
RIISMRTQLVSNLKKEGSSHNWQHITDQIGMFCFTGLKPEQVERLTKEFSIYMTKDGRISVAGVASSNVGYLAHAIHQVT
K
;
_entity_poly.pdbx_strand_id   A
#
# COMPACT_ATOMS: atom_id res chain seq x y z
N SER A 1 -22.15 38.18 -2.25
CA SER A 1 -22.54 36.90 -2.80
C SER A 1 -21.87 36.60 -4.14
N SER A 2 -20.65 36.06 -4.03
CA SER A 2 -19.79 35.66 -5.15
C SER A 2 -20.07 34.21 -5.52
N TRP A 3 -19.19 33.62 -6.36
CA TRP A 3 -19.35 32.25 -6.81
C TRP A 3 -19.17 31.22 -5.71
N TRP A 4 -18.22 31.43 -4.82
CA TRP A 4 -17.91 30.44 -3.80
C TRP A 4 -18.27 30.79 -2.38
N SER A 5 -19.28 31.60 -2.22
CA SER A 5 -19.66 31.97 -0.87
C SER A 5 -20.16 30.77 -0.07
N HIS A 6 -20.71 29.78 -0.76
CA HIS A 6 -21.28 28.58 -0.16
C HIS A 6 -20.33 27.46 0.12
N VAL A 7 -19.16 27.51 -0.49
CA VAL A 7 -18.22 26.43 -0.27
C VAL A 7 -17.76 26.45 1.16
N GLU A 8 -17.85 25.31 1.81
CA GLU A 8 -17.45 25.23 3.21
C GLU A 8 -16.06 24.72 3.45
N MET A 9 -15.59 25.09 4.61
CA MET A 9 -14.29 24.67 5.05
C MET A 9 -14.32 23.19 5.29
N GLY A 10 -13.66 22.42 4.43
CA GLY A 10 -13.61 20.98 4.63
C GLY A 10 -12.55 20.67 5.68
N PRO A 11 -12.51 19.45 6.17
CA PRO A 11 -11.54 19.11 7.18
C PRO A 11 -10.23 18.55 6.58
N PRO A 12 -9.19 18.53 7.37
CA PRO A 12 -7.91 18.02 6.92
C PRO A 12 -7.96 16.51 6.85
N ASP A 13 -7.16 15.94 5.94
CA ASP A 13 -7.09 14.51 5.76
C ASP A 13 -6.62 13.81 7.03
N PRO A 14 -7.24 12.70 7.32
CA PRO A 14 -6.93 11.93 8.50
C PRO A 14 -5.52 11.39 8.54
N ILE A 15 -4.90 11.20 7.38
CA ILE A 15 -3.55 10.70 7.35
C ILE A 15 -2.57 11.78 6.97
N LEU A 16 -2.74 12.27 5.75
CA LEU A 16 -1.89 13.32 5.21
C LEU A 16 -1.95 14.57 6.08
N GLY A 17 -3.09 14.85 6.69
CA GLY A 17 -3.19 16.04 7.52
C GLY A 17 -2.30 15.99 8.75
N VAL A 18 -1.80 14.81 9.11
CA VAL A 18 -0.95 14.68 10.29
C VAL A 18 0.40 15.35 10.08
N THR A 19 0.91 15.16 8.87
CA THR A 19 2.15 15.76 8.49
C THR A 19 2.01 17.26 8.46
N GLU A 20 0.85 17.76 8.07
CA GLU A 20 0.66 19.19 8.04
C GLU A 20 0.79 19.73 9.45
N ALA A 21 0.14 19.05 10.40
CA ALA A 21 0.19 19.43 11.81
C ALA A 21 1.58 19.27 12.39
N PHE A 22 2.25 18.18 12.03
CA PHE A 22 3.60 17.95 12.53
C PHE A 22 4.57 19.05 12.09
N LYS A 23 4.35 19.58 10.91
CA LYS A 23 5.22 20.60 10.39
C LYS A 23 5.28 21.89 11.20
N ARG A 24 4.17 22.23 11.78
CA ARG A 24 4.04 23.44 12.54
C ARG A 24 4.60 23.45 13.97
N ASP A 25 4.73 22.26 14.57
CA ASP A 25 5.20 22.10 15.94
C ASP A 25 6.64 22.58 16.08
N THR A 26 6.96 23.29 17.16
CA THR A 26 8.31 23.79 17.38
C THR A 26 9.22 22.90 18.26
N ASN A 27 8.63 21.89 18.91
CA ASN A 27 9.37 20.96 19.75
C ASN A 27 10.42 20.21 18.94
N SER A 28 11.68 20.36 19.38
CA SER A 28 12.85 19.76 18.78
C SER A 28 12.83 18.22 18.80
N LYS A 29 12.13 17.65 19.76
CA LYS A 29 12.04 16.22 19.88
C LYS A 29 10.86 15.58 19.10
N LYS A 30 10.11 16.37 18.33
CA LYS A 30 8.97 15.85 17.55
C LYS A 30 9.26 14.66 16.66
N MET A 31 8.27 13.78 16.53
CA MET A 31 8.39 12.59 15.70
C MET A 31 7.16 12.45 14.82
N ASN A 32 7.34 12.19 13.52
CA ASN A 32 6.22 12.04 12.60
C ASN A 32 5.98 10.57 12.28
N LEU A 33 5.08 10.02 13.06
CA LEU A 33 4.71 8.63 12.95
C LEU A 33 3.33 8.49 12.32
N GLY A 34 2.91 9.52 11.59
CA GLY A 34 1.61 9.43 10.93
C GLY A 34 1.75 8.62 9.65
N VAL A 35 2.08 9.29 8.53
CA VAL A 35 2.25 8.59 7.25
C VAL A 35 3.32 7.51 7.31
N GLY A 36 3.17 6.53 6.43
CA GLY A 36 4.10 5.42 6.35
C GLY A 36 5.20 5.73 5.36
N ALA A 37 6.24 6.38 5.85
CA ALA A 37 7.42 6.80 5.10
C ALA A 37 8.63 6.31 5.86
N TYR A 38 9.50 5.63 5.16
CA TYR A 38 10.66 5.06 5.80
C TYR A 38 11.72 6.08 6.13
N ARG A 39 12.29 5.93 7.33
CA ARG A 39 13.36 6.77 7.80
C ARG A 39 14.58 5.90 8.04
N ASP A 40 15.78 6.40 7.78
CA ASP A 40 16.94 5.59 8.06
C ASP A 40 17.20 5.58 9.57
N ASP A 41 18.23 4.85 10.03
CA ASP A 41 18.54 4.77 11.46
C ASP A 41 18.95 6.04 12.16
N ASN A 42 19.04 7.14 11.41
CA ASN A 42 19.40 8.45 11.97
C ASN A 42 18.14 9.27 12.05
N GLY A 43 17.05 8.65 11.56
CA GLY A 43 15.73 9.26 11.53
C GLY A 43 15.64 10.24 10.37
N LYS A 44 16.16 9.82 9.26
CA LYS A 44 16.21 10.67 8.11
C LYS A 44 15.64 10.05 6.84
N PRO A 45 15.14 10.90 5.95
CA PRO A 45 14.62 10.39 4.70
C PRO A 45 15.71 9.63 3.98
N TYR A 46 15.34 8.47 3.48
CA TYR A 46 16.29 7.63 2.80
C TYR A 46 15.97 7.36 1.32
N VAL A 47 16.91 7.80 0.48
CA VAL A 47 16.88 7.62 -0.95
C VAL A 47 17.82 6.47 -1.27
N LEU A 48 17.27 5.40 -1.79
CA LEU A 48 18.07 4.25 -2.06
C LEU A 48 19.26 4.47 -2.97
N ASN A 49 20.32 3.72 -2.65
CA ASN A 49 21.54 3.74 -3.40
C ASN A 49 21.29 3.43 -4.86
N CYS A 50 20.56 2.35 -5.09
CA CYS A 50 20.23 1.98 -6.45
C CYS A 50 19.47 3.13 -7.11
N VAL A 51 18.65 3.86 -6.32
CA VAL A 51 17.92 4.95 -6.91
C VAL A 51 18.87 6.01 -7.39
N ARG A 52 19.81 6.37 -6.52
CA ARG A 52 20.80 7.36 -6.85
C ARG A 52 21.52 7.00 -8.16
N LYS A 53 21.99 5.75 -8.25
CA LYS A 53 22.69 5.31 -9.45
C LYS A 53 21.83 5.41 -10.71
N ALA A 54 20.59 4.92 -10.62
CA ALA A 54 19.66 4.98 -11.72
C ALA A 54 19.55 6.40 -12.21
N GLU A 55 19.39 7.33 -11.26
CA GLU A 55 19.29 8.76 -11.57
C GLU A 55 20.51 9.20 -12.34
N ALA A 56 21.65 8.70 -11.90
CA ALA A 56 22.92 9.05 -12.52
C ALA A 56 23.00 8.56 -13.93
N MET A 57 22.62 7.32 -14.12
CA MET A 57 22.65 6.79 -15.47
C MET A 57 21.74 7.62 -16.38
N ILE A 58 20.62 8.07 -15.83
CA ILE A 58 19.69 8.86 -16.62
C ILE A 58 20.27 10.20 -17.05
N ALA A 59 21.00 10.82 -16.12
CA ALA A 59 21.59 12.11 -16.37
C ALA A 59 22.62 12.04 -17.47
N ALA A 60 23.56 11.16 -17.24
CA ALA A 60 24.63 10.94 -18.17
C ALA A 60 24.13 10.66 -19.58
N LYS A 61 22.95 10.05 -19.70
CA LYS A 61 22.44 9.73 -21.02
C LYS A 61 21.90 10.92 -21.76
N LYS A 62 21.72 12.02 -21.05
CA LYS A 62 21.18 13.21 -21.66
C LYS A 62 19.82 12.94 -22.33
N MET A 63 18.92 12.33 -21.56
CA MET A 63 17.60 11.96 -22.05
C MET A 63 16.63 13.09 -22.30
N ASP A 64 15.70 12.87 -23.24
CA ASP A 64 14.71 13.88 -23.51
C ASP A 64 13.60 13.91 -22.45
N LYS A 65 12.68 14.85 -22.62
CA LYS A 65 11.54 15.01 -21.74
C LYS A 65 10.25 14.95 -22.53
N GLU A 66 10.28 14.21 -23.64
CA GLU A 66 9.11 14.09 -24.48
C GLU A 66 7.95 13.34 -23.82
N TYR A 67 6.73 13.62 -24.28
CA TYR A 67 5.53 12.98 -23.77
C TYR A 67 5.64 11.46 -23.91
N LEU A 68 5.28 10.70 -22.86
CA LEU A 68 5.24 9.23 -22.90
C LEU A 68 3.86 8.86 -23.50
N PRO A 69 3.68 7.61 -23.93
CA PRO A 69 2.39 7.17 -24.43
C PRO A 69 1.39 7.26 -23.29
N ILE A 70 0.10 7.27 -23.61
CA ILE A 70 -0.98 7.34 -22.64
C ILE A 70 -0.88 6.23 -21.59
N ALA A 71 -0.49 5.04 -22.02
CA ALA A 71 -0.39 3.93 -21.10
C ALA A 71 0.89 3.87 -20.25
N GLY A 72 1.86 4.77 -20.49
CA GLY A 72 3.13 4.83 -19.75
C GLY A 72 4.35 4.26 -20.51
N LEU A 73 5.48 4.12 -19.81
CA LEU A 73 6.73 3.59 -20.37
C LEU A 73 6.68 2.06 -20.48
N ALA A 74 6.67 1.53 -21.72
CA ALA A 74 6.53 0.10 -21.97
C ALA A 74 7.37 -0.81 -21.10
N ASP A 75 8.58 -0.40 -21.01
CA ASP A 75 9.59 -1.08 -20.27
C ASP A 75 9.23 -1.16 -18.79
N PHE A 76 8.64 -0.07 -18.29
CA PHE A 76 8.23 0.01 -16.90
C PHE A 76 7.01 -0.88 -16.63
N THR A 77 6.11 -0.82 -17.59
CA THR A 77 4.85 -1.51 -17.61
C THR A 77 5.02 -3.03 -17.68
N ARG A 78 5.88 -3.48 -18.58
CA ARG A 78 6.14 -4.90 -18.67
C ARG A 78 6.89 -5.36 -17.43
N ALA A 79 7.77 -4.52 -16.90
CA ALA A 79 8.53 -4.89 -15.72
C ALA A 79 7.66 -5.00 -14.47
N SER A 80 6.64 -4.14 -14.35
CA SER A 80 5.78 -4.19 -13.18
C SER A 80 4.94 -5.44 -13.13
N ALA A 81 4.41 -5.81 -14.30
CA ALA A 81 3.57 -7.00 -14.46
C ALA A 81 4.38 -8.22 -14.04
N GLU A 82 5.61 -8.23 -14.54
CA GLU A 82 6.55 -9.28 -14.26
C GLU A 82 6.86 -9.38 -12.78
N LEU A 83 7.01 -8.24 -12.11
CA LEU A 83 7.32 -8.21 -10.67
C LEU A 83 6.14 -8.71 -9.87
N ALA A 84 4.94 -8.38 -10.33
CA ALA A 84 3.73 -8.83 -9.63
C ALA A 84 3.43 -10.32 -9.87
N LEU A 85 3.40 -10.70 -11.16
CA LEU A 85 3.10 -12.03 -11.69
C LEU A 85 4.14 -13.17 -11.51
N GLY A 86 5.42 -12.83 -11.67
CA GLY A 86 6.51 -13.78 -11.60
C GLY A 86 6.85 -14.11 -13.06
N GLU A 87 8.11 -14.34 -13.39
CA GLU A 87 8.53 -14.63 -14.77
C GLU A 87 7.98 -15.90 -15.43
N ASN A 88 7.74 -16.92 -14.63
CA ASN A 88 7.28 -18.23 -15.09
C ASN A 88 5.79 -18.35 -15.28
N SER A 89 5.09 -17.34 -14.85
CA SER A 89 3.65 -17.29 -14.88
C SER A 89 3.07 -17.46 -16.28
N GLU A 90 1.99 -18.26 -16.40
CA GLU A 90 1.29 -18.48 -17.66
C GLU A 90 0.58 -17.20 -18.08
N ALA A 91 0.06 -16.46 -17.10
CA ALA A 91 -0.61 -15.20 -17.38
C ALA A 91 0.31 -14.22 -18.09
N PHE A 92 1.52 -14.10 -17.55
CA PHE A 92 2.53 -13.24 -18.11
C PHE A 92 3.00 -13.81 -19.45
N LYS A 93 3.38 -15.07 -19.41
CA LYS A 93 3.88 -15.77 -20.57
C LYS A 93 2.93 -15.69 -21.74
N SER A 94 1.66 -15.96 -21.47
CA SER A 94 0.64 -15.91 -22.49
C SER A 94 0.21 -14.49 -22.92
N GLY A 95 0.65 -13.46 -22.18
CA GLY A 95 0.30 -12.09 -22.53
C GLY A 95 -1.17 -11.73 -22.32
N ARG A 96 -1.88 -12.51 -21.46
CA ARG A 96 -3.32 -12.30 -21.10
C ARG A 96 -3.49 -11.12 -20.13
N TYR A 97 -2.59 -10.14 -20.12
CA TYR A 97 -2.72 -9.04 -19.17
C TYR A 97 -2.49 -7.71 -19.85
N VAL A 98 -2.87 -6.66 -19.16
CA VAL A 98 -2.65 -5.29 -19.56
C VAL A 98 -2.35 -4.51 -18.31
N THR A 99 -1.21 -3.87 -18.40
CA THR A 99 -0.67 -3.05 -17.37
C THR A 99 -0.53 -1.66 -17.93
N VAL A 100 -0.89 -0.70 -17.11
CA VAL A 100 -0.88 0.68 -17.51
C VAL A 100 -0.22 1.48 -16.40
N GLN A 101 0.69 2.38 -16.77
CA GLN A 101 1.36 3.20 -15.79
C GLN A 101 0.33 4.03 -15.08
N GLY A 102 0.47 4.15 -13.76
CA GLY A 102 -0.46 4.93 -12.97
C GLY A 102 0.23 5.92 -12.04
N ILE A 103 -0.54 6.93 -11.60
CA ILE A 103 -0.01 7.93 -10.69
C ILE A 103 0.10 7.38 -9.28
N SER A 104 1.05 6.45 -9.16
CA SER A 104 1.36 5.72 -7.94
C SER A 104 0.23 4.75 -7.61
N GLY A 105 0.13 4.37 -6.35
CA GLY A 105 -0.93 3.46 -5.88
C GLY A 105 -2.34 4.07 -6.03
N THR A 106 -2.53 5.29 -5.52
CA THR A 106 -3.81 6.01 -5.57
C THR A 106 -4.39 6.23 -6.97
N GLY A 107 -3.53 6.67 -7.88
CA GLY A 107 -3.92 6.92 -9.25
C GLY A 107 -4.29 5.62 -9.95
N SER A 108 -3.54 4.55 -9.67
CA SER A 108 -3.82 3.25 -10.27
C SER A 108 -5.16 2.68 -9.78
N LEU A 109 -5.35 2.77 -8.48
CA LEU A 109 -6.53 2.34 -7.75
C LEU A 109 -7.76 3.07 -8.31
N ARG A 110 -7.58 4.37 -8.50
CA ARG A 110 -8.64 5.21 -9.05
C ARG A 110 -8.92 4.93 -10.53
N VAL A 111 -7.88 4.70 -11.33
CA VAL A 111 -8.13 4.41 -12.73
C VAL A 111 -8.97 3.15 -12.83
N GLY A 112 -8.63 2.19 -11.96
CA GLY A 112 -9.31 0.92 -11.91
C GLY A 112 -10.76 1.04 -11.48
N ALA A 113 -11.00 1.81 -10.41
CA ALA A 113 -12.35 2.02 -9.91
C ALA A 113 -13.23 2.61 -11.00
N ASN A 114 -12.69 3.61 -11.68
CA ASN A 114 -13.35 4.32 -12.77
C ASN A 114 -13.57 3.42 -13.97
N PHE A 115 -12.65 2.48 -14.15
CA PHE A 115 -12.74 1.52 -15.22
C PHE A 115 -13.91 0.60 -14.87
N LEU A 116 -13.91 0.13 -13.63
CA LEU A 116 -14.96 -0.73 -13.12
C LEU A 116 -16.34 -0.03 -13.22
N GLN A 117 -16.39 1.23 -12.79
CA GLN A 117 -17.61 2.01 -12.81
C GLN A 117 -18.19 2.02 -14.19
N ARG A 118 -17.30 2.09 -15.15
CA ARG A 118 -17.71 2.13 -16.51
C ARG A 118 -17.92 0.79 -17.22
N PHE A 119 -17.18 -0.27 -16.89
CA PHE A 119 -17.35 -1.56 -17.59
C PHE A 119 -17.81 -2.75 -16.76
N PHE A 120 -17.77 -2.63 -15.43
CA PHE A 120 -18.20 -3.76 -14.61
C PHE A 120 -19.73 -3.75 -14.52
N LYS A 121 -20.38 -4.40 -15.49
CA LYS A 121 -21.82 -4.43 -15.54
C LYS A 121 -22.56 -5.26 -14.51
N PHE A 122 -21.87 -6.19 -13.84
CA PHE A 122 -22.55 -7.03 -12.87
C PHE A 122 -22.79 -6.50 -11.46
N SER A 123 -22.34 -5.31 -11.10
CA SER A 123 -22.55 -4.84 -9.72
C SER A 123 -21.97 -3.45 -9.51
N ARG A 124 -22.43 -2.74 -8.45
CA ARG A 124 -21.92 -1.40 -8.10
C ARG A 124 -21.26 -1.43 -6.72
N ASP A 125 -21.21 -2.60 -6.06
CA ASP A 125 -20.64 -2.74 -4.72
C ASP A 125 -19.20 -3.22 -4.68
N VAL A 126 -18.42 -2.60 -3.80
CA VAL A 126 -17.03 -2.94 -3.52
C VAL A 126 -16.96 -3.25 -2.04
N TYR A 127 -16.56 -4.48 -1.74
CA TYR A 127 -16.45 -4.93 -0.37
C TYR A 127 -15.08 -4.64 0.24
N LEU A 128 -14.98 -3.75 1.25
CA LEU A 128 -13.71 -3.42 1.89
C LEU A 128 -13.58 -4.16 3.21
N PRO A 129 -12.39 -4.49 3.63
CA PRO A 129 -12.21 -5.17 4.91
C PRO A 129 -12.42 -4.18 6.03
N LYS A 130 -12.66 -4.70 7.23
CA LYS A 130 -12.83 -3.87 8.43
C LYS A 130 -11.68 -4.13 9.39
N PRO A 131 -10.77 -3.16 9.55
CA PRO A 131 -10.83 -1.86 8.89
C PRO A 131 -10.01 -1.91 7.63
N SER A 132 -9.89 -0.76 6.96
CA SER A 132 -9.10 -0.66 5.75
C SER A 132 -8.46 0.71 5.70
N TRP A 133 -7.51 0.91 4.80
CA TRP A 133 -6.88 2.21 4.66
C TRP A 133 -7.97 3.24 4.40
N GLY A 134 -7.96 4.29 5.20
CA GLY A 134 -8.93 5.36 5.12
C GLY A 134 -9.25 5.81 3.70
N ASN A 135 -8.23 5.92 2.87
CA ASN A 135 -8.41 6.39 1.50
C ASN A 135 -9.20 5.50 0.55
N HIS A 136 -9.37 4.21 0.86
CA HIS A 136 -10.12 3.33 -0.04
C HIS A 136 -11.57 3.76 -0.24
N THR A 137 -12.18 4.32 0.80
CA THR A 137 -13.58 4.72 0.75
C THR A 137 -13.90 5.78 -0.33
N PRO A 138 -13.28 6.96 -0.19
CA PRO A 138 -13.46 8.06 -1.12
C PRO A 138 -12.98 7.77 -2.53
N ILE A 139 -12.04 6.85 -2.65
CA ILE A 139 -11.56 6.49 -3.96
C ILE A 139 -12.70 5.84 -4.73
N PHE A 140 -13.39 4.87 -4.10
CA PHE A 140 -14.51 4.17 -4.75
C PHE A 140 -15.74 5.02 -4.86
N ARG A 141 -16.01 5.74 -3.80
CA ARG A 141 -17.11 6.65 -3.74
C ARG A 141 -17.04 7.71 -4.83
N ASP A 142 -15.94 8.47 -4.93
CA ASP A 142 -15.87 9.47 -6.00
C ASP A 142 -15.96 8.86 -7.42
N ALA A 143 -15.55 7.60 -7.58
CA ALA A 143 -15.58 6.93 -8.88
C ALA A 143 -17.00 6.52 -9.28
N GLY A 144 -17.91 6.45 -8.32
CA GLY A 144 -19.27 6.10 -8.64
C GLY A 144 -19.79 4.76 -8.14
N LEU A 145 -19.02 4.05 -7.31
CA LEU A 145 -19.41 2.76 -6.78
C LEU A 145 -19.90 2.82 -5.34
N GLN A 146 -20.57 1.75 -4.89
CA GLN A 146 -21.12 1.66 -3.55
C GLN A 146 -20.15 0.90 -2.68
N LEU A 147 -20.11 1.23 -1.39
CA LEU A 147 -19.20 0.56 -0.47
C LEU A 147 -19.90 -0.41 0.48
N GLN A 148 -19.24 -1.54 0.74
CA GLN A 148 -19.72 -2.55 1.66
C GLN A 148 -18.55 -2.99 2.57
N ALA A 149 -18.82 -3.89 3.49
CA ALA A 149 -17.77 -4.34 4.38
C ALA A 149 -17.86 -5.82 4.73
N TYR A 150 -16.67 -6.39 4.97
CA TYR A 150 -16.47 -7.77 5.38
C TYR A 150 -15.61 -7.74 6.65
N ARG A 151 -15.90 -8.61 7.62
CA ARG A 151 -15.13 -8.62 8.85
C ARG A 151 -13.71 -9.05 8.57
N TYR A 152 -12.77 -8.50 9.33
CA TYR A 152 -11.37 -8.81 9.13
C TYR A 152 -10.57 -8.83 10.42
N TYR A 153 -10.56 -7.69 11.12
CA TYR A 153 -9.80 -7.58 12.35
C TYR A 153 -10.63 -7.71 13.59
N ASP A 154 -10.11 -8.44 14.57
CA ASP A 154 -10.76 -8.59 15.85
C ASP A 154 -9.90 -7.94 16.94
N PRO A 155 -10.34 -6.79 17.43
CA PRO A 155 -9.60 -6.05 18.42
C PRO A 155 -9.49 -6.71 19.78
N LYS A 156 -10.34 -7.69 20.09
CA LYS A 156 -10.24 -8.33 21.37
C LYS A 156 -9.02 -9.23 21.41
N THR A 157 -8.82 -9.86 20.28
CA THR A 157 -7.75 -10.79 20.18
C THR A 157 -6.54 -10.36 19.37
N CYS A 158 -6.56 -9.12 18.86
CA CYS A 158 -5.47 -8.54 18.06
C CYS A 158 -5.09 -9.37 16.88
N SER A 159 -6.11 -9.92 16.26
CA SER A 159 -5.92 -10.70 15.09
C SER A 159 -7.08 -10.69 14.18
N LEU A 160 -6.83 -11.40 13.12
CA LEU A 160 -7.65 -11.64 11.99
C LEU A 160 -8.83 -12.49 12.40
N ASP A 161 -10.06 -11.97 12.26
CA ASP A 161 -11.27 -12.74 12.59
C ASP A 161 -11.69 -13.60 11.37
N PHE A 162 -10.95 -14.69 11.16
CA PHE A 162 -11.15 -15.61 10.06
C PHE A 162 -12.55 -16.21 9.96
N THR A 163 -13.12 -16.56 11.09
CA THR A 163 -14.44 -17.13 11.06
C THR A 163 -15.44 -16.13 10.49
N GLY A 164 -15.31 -14.90 10.96
CA GLY A 164 -16.15 -13.77 10.57
C GLY A 164 -15.99 -13.37 9.11
N ALA A 165 -14.76 -13.45 8.61
CA ALA A 165 -14.48 -13.10 7.24
C ALA A 165 -15.10 -14.11 6.27
N MET A 166 -14.84 -15.38 6.58
CA MET A 166 -15.36 -16.49 5.83
C MET A 166 -16.88 -16.40 5.78
N GLU A 167 -17.49 -16.15 6.94
CA GLU A 167 -18.94 -16.04 7.01
C GLU A 167 -19.44 -14.96 6.05
N ASP A 168 -18.96 -13.73 6.28
CA ASP A 168 -19.28 -12.56 5.48
C ASP A 168 -19.05 -12.78 3.99
N ILE A 169 -17.83 -13.25 3.61
CA ILE A 169 -17.46 -13.50 2.21
C ILE A 169 -18.32 -14.53 1.52
N SER A 170 -18.71 -15.55 2.26
CA SER A 170 -19.53 -16.58 1.68
C SER A 170 -20.97 -16.10 1.42
N LYS A 171 -21.33 -14.94 1.96
CA LYS A 171 -22.66 -14.39 1.75
C LYS A 171 -22.68 -13.26 0.73
N ILE A 172 -21.52 -12.72 0.35
CA ILE A 172 -21.51 -11.66 -0.63
C ILE A 172 -22.18 -12.16 -1.88
N PRO A 173 -23.04 -11.35 -2.46
CA PRO A 173 -23.75 -11.73 -3.67
C PRO A 173 -22.82 -11.95 -4.84
N GLU A 174 -23.13 -12.96 -5.64
CA GLU A 174 -22.30 -13.28 -6.78
C GLU A 174 -22.00 -12.11 -7.68
N LYS A 175 -20.85 -12.16 -8.32
CA LYS A 175 -20.46 -11.09 -9.21
C LYS A 175 -20.19 -9.73 -8.58
N SER A 176 -20.12 -9.64 -7.24
CA SER A 176 -19.77 -8.39 -6.60
C SER A 176 -18.25 -8.24 -6.64
N ILE A 177 -17.77 -7.07 -6.23
CA ILE A 177 -16.36 -6.74 -6.21
C ILE A 177 -15.76 -6.82 -4.80
N ILE A 178 -14.63 -7.53 -4.65
CA ILE A 178 -13.98 -7.62 -3.34
C ILE A 178 -12.54 -7.07 -3.32
N LEU A 179 -12.23 -6.23 -2.34
CA LEU A 179 -10.89 -5.66 -2.24
C LEU A 179 -10.06 -6.36 -1.21
N LEU A 180 -8.92 -6.80 -1.68
CA LEU A 180 -7.98 -7.49 -0.85
C LEU A 180 -6.64 -6.79 -0.90
N HIS A 181 -6.01 -6.75 0.25
CA HIS A 181 -4.68 -6.21 0.40
C HIS A 181 -3.75 -7.40 0.15
N ALA A 182 -2.83 -7.27 -0.79
CA ALA A 182 -1.94 -8.37 -1.09
C ALA A 182 -1.07 -8.85 0.07
N CYS A 183 -0.53 -7.93 0.84
CA CYS A 183 0.31 -8.30 1.96
C CYS A 183 0.47 -7.08 2.83
N ALA A 184 0.83 -7.22 4.11
CA ALA A 184 0.95 -6.05 4.99
C ALA A 184 -0.33 -5.24 5.01
N HIS A 185 -1.38 -5.86 5.53
CA HIS A 185 -2.66 -5.21 5.61
C HIS A 185 -2.49 -3.90 6.34
N ASN A 186 -2.98 -2.80 5.73
CA ASN A 186 -2.96 -1.45 6.29
C ASN A 186 -4.37 -1.18 6.84
N PRO A 187 -4.51 -0.84 8.14
CA PRO A 187 -3.45 -0.56 9.11
C PRO A 187 -3.21 -1.59 10.16
N THR A 188 -3.72 -2.82 10.05
CA THR A 188 -3.57 -3.80 11.12
C THR A 188 -2.26 -4.54 11.13
N GLY A 189 -1.61 -4.60 9.99
CA GLY A 189 -0.38 -5.33 9.96
C GLY A 189 -0.61 -6.85 10.20
N VAL A 190 -1.83 -7.34 9.97
CA VAL A 190 -2.09 -8.77 10.10
C VAL A 190 -2.52 -9.37 8.75
N ASP A 191 -1.89 -10.44 8.34
CA ASP A 191 -2.24 -11.03 7.06
C ASP A 191 -2.78 -12.44 7.27
N PRO A 192 -3.54 -12.95 6.31
CA PRO A 192 -4.03 -14.32 6.42
C PRO A 192 -2.82 -15.25 6.34
N ARG A 193 -2.86 -16.46 6.91
CA ARG A 193 -1.70 -17.35 6.77
C ARG A 193 -1.89 -18.03 5.41
N GLN A 194 -0.86 -18.53 4.73
CA GLN A 194 -1.04 -19.16 3.41
C GLN A 194 -2.20 -20.14 3.29
N GLU A 195 -2.38 -20.97 4.31
CA GLU A 195 -3.47 -21.93 4.30
C GLU A 195 -4.76 -21.13 4.37
N GLN A 196 -4.68 -20.00 5.05
CA GLN A 196 -5.83 -19.14 5.16
C GLN A 196 -6.20 -18.55 3.83
N TRP A 197 -5.19 -18.10 3.10
CA TRP A 197 -5.38 -17.53 1.78
C TRP A 197 -5.95 -18.58 0.81
N LYS A 198 -5.54 -19.84 0.97
CA LYS A 198 -6.02 -20.89 0.09
C LYS A 198 -7.52 -21.09 0.11
N GLU A 199 -8.03 -20.95 1.32
CA GLU A 199 -9.45 -21.08 1.68
C GLU A 199 -10.32 -19.95 1.13
N LEU A 200 -9.78 -18.74 1.22
CA LEU A 200 -10.38 -17.50 0.73
C LEU A 200 -10.45 -17.59 -0.80
N ALA A 201 -9.43 -18.18 -1.38
CA ALA A 201 -9.39 -18.34 -2.82
C ALA A 201 -10.64 -19.08 -3.30
N SER A 202 -10.87 -20.26 -2.71
CA SER A 202 -12.02 -21.14 -2.98
C SER A 202 -13.33 -20.41 -3.00
N VAL A 203 -13.57 -19.69 -1.91
CA VAL A 203 -14.80 -18.94 -1.73
C VAL A 203 -14.99 -17.78 -2.72
N VAL A 204 -13.90 -17.13 -3.10
CA VAL A 204 -14.00 -16.04 -4.03
C VAL A 204 -14.29 -16.59 -5.42
N LYS A 205 -13.80 -17.82 -5.64
CA LYS A 205 -13.94 -18.56 -6.89
C LYS A 205 -15.36 -19.11 -6.95
N LYS A 206 -15.74 -19.74 -5.85
CA LYS A 206 -17.05 -20.32 -5.67
C LYS A 206 -18.13 -19.26 -5.84
N ARG A 207 -17.96 -18.08 -5.26
CA ARG A 207 -18.97 -17.05 -5.39
C ARG A 207 -18.85 -16.20 -6.64
N ASN A 208 -17.81 -16.44 -7.42
CA ASN A 208 -17.64 -15.66 -8.63
C ASN A 208 -17.56 -14.17 -8.34
N LEU A 209 -16.58 -13.77 -7.57
CA LEU A 209 -16.38 -12.38 -7.26
C LEU A 209 -15.16 -11.85 -8.00
N LEU A 210 -15.17 -10.52 -8.29
CA LEU A 210 -14.05 -9.84 -8.91
C LEU A 210 -13.15 -9.41 -7.75
N ALA A 211 -11.98 -10.04 -7.69
CA ALA A 211 -11.00 -9.80 -6.67
C ALA A 211 -10.11 -8.66 -7.10
N TYR A 212 -10.11 -7.58 -6.34
CA TYR A 212 -9.29 -6.42 -6.64
C TYR A 212 -8.17 -6.33 -5.58
N PHE A 213 -6.91 -6.55 -5.98
CA PHE A 213 -5.80 -6.48 -5.03
C PHE A 213 -5.08 -5.16 -5.07
N ASP A 214 -4.78 -4.71 -3.86
CA ASP A 214 -4.03 -3.51 -3.59
C ASP A 214 -2.65 -3.92 -3.05
N MET A 215 -1.59 -3.81 -3.89
CA MET A 215 -0.20 -4.16 -3.56
C MET A 215 0.71 -2.92 -3.50
N ALA A 216 0.82 -2.36 -2.31
CA ALA A 216 1.63 -1.20 -2.08
C ALA A 216 2.84 -1.56 -1.24
N TYR A 217 2.88 -2.80 -0.71
CA TYR A 217 4.00 -3.20 0.14
C TYR A 217 4.75 -4.44 -0.29
N GLN A 218 4.96 -4.66 -1.58
CA GLN A 218 5.69 -5.85 -2.01
C GLN A 218 7.13 -5.76 -1.53
N GLY A 219 7.50 -6.68 -0.62
CA GLY A 219 8.82 -6.73 -0.03
C GLY A 219 8.91 -6.29 1.45
N PHE A 220 7.81 -5.76 2.03
CA PHE A 220 7.81 -5.27 3.43
C PHE A 220 7.12 -6.18 4.40
N ALA A 221 6.54 -7.24 3.89
CA ALA A 221 5.87 -8.13 4.76
C ALA A 221 6.84 -9.16 5.31
N SER A 222 7.63 -9.76 4.43
CA SER A 222 8.59 -10.76 4.86
C SER A 222 10.04 -10.33 4.61
N GLY A 223 10.18 -9.38 3.72
CA GLY A 223 11.48 -8.87 3.31
C GLY A 223 11.88 -9.56 2.01
N ASP A 224 10.97 -10.39 1.49
CA ASP A 224 11.16 -11.15 0.27
C ASP A 224 10.05 -10.79 -0.69
N ILE A 225 10.39 -10.40 -1.92
CA ILE A 225 9.40 -10.01 -2.92
C ILE A 225 8.57 -11.12 -3.52
N ASN A 226 9.17 -12.30 -3.72
CA ASN A 226 8.43 -13.38 -4.31
C ASN A 226 7.44 -13.92 -3.32
N ARG A 227 7.88 -13.98 -2.07
CA ARG A 227 7.04 -14.46 -0.98
C ARG A 227 5.83 -13.57 -0.68
N ASP A 228 6.06 -12.27 -0.70
CA ASP A 228 5.04 -11.29 -0.45
C ASP A 228 3.97 -11.26 -1.55
N ALA A 229 4.30 -11.80 -2.71
CA ALA A 229 3.36 -11.84 -3.81
C ALA A 229 2.68 -13.19 -3.98
N TRP A 230 2.79 -14.05 -2.97
CA TRP A 230 2.23 -15.39 -3.03
C TRP A 230 0.73 -15.50 -3.28
N ALA A 231 -0.06 -14.89 -2.40
CA ALA A 231 -1.53 -14.93 -2.46
C ALA A 231 -2.04 -14.50 -3.85
N LEU A 232 -1.57 -13.35 -4.30
CA LEU A 232 -1.93 -12.79 -5.59
C LEU A 232 -1.80 -13.82 -6.68
N ARG A 233 -0.62 -14.42 -6.73
CA ARG A 233 -0.28 -15.43 -7.71
C ARG A 233 -1.08 -16.72 -7.55
N HIS A 234 -1.37 -17.05 -6.30
CA HIS A 234 -2.13 -18.23 -6.04
C HIS A 234 -3.54 -18.09 -6.62
N PHE A 235 -4.16 -16.91 -6.47
CA PHE A 235 -5.50 -16.67 -6.99
C PHE A 235 -5.55 -16.84 -8.50
N ILE A 236 -4.57 -16.26 -9.18
CA ILE A 236 -4.48 -16.30 -10.64
C ILE A 236 -4.36 -17.71 -11.19
N GLU A 237 -3.58 -18.49 -10.46
CA GLU A 237 -3.30 -19.89 -10.75
C GLU A 237 -4.47 -20.82 -10.40
N GLN A 238 -5.44 -20.31 -9.64
CA GLN A 238 -6.62 -21.07 -9.30
C GLN A 238 -7.70 -20.74 -10.34
N GLY A 239 -7.40 -19.83 -11.26
CA GLY A 239 -8.40 -19.48 -12.26
C GLY A 239 -9.15 -18.18 -11.98
N ILE A 240 -8.67 -17.41 -11.02
CA ILE A 240 -9.31 -16.13 -10.68
C ILE A 240 -8.63 -14.99 -11.43
N ASP A 241 -9.38 -14.28 -12.28
CA ASP A 241 -8.81 -13.17 -13.03
C ASP A 241 -8.99 -11.91 -12.24
N VAL A 242 -7.93 -11.48 -11.58
CA VAL A 242 -8.05 -10.32 -10.76
C VAL A 242 -7.65 -9.04 -11.47
N VAL A 243 -7.83 -7.93 -10.76
CA VAL A 243 -7.38 -6.62 -11.19
C VAL A 243 -6.44 -6.24 -10.09
N LEU A 244 -5.45 -5.38 -10.37
CA LEU A 244 -4.49 -5.06 -9.33
C LEU A 244 -3.86 -3.71 -9.47
N SER A 245 -3.55 -3.12 -8.33
CA SER A 245 -2.89 -1.86 -8.31
C SER A 245 -1.54 -2.00 -7.62
N GLN A 246 -0.51 -1.36 -8.16
CA GLN A 246 0.83 -1.39 -7.55
C GLN A 246 1.37 0.03 -7.29
N SER A 247 2.13 0.12 -6.22
CA SER A 247 2.86 1.29 -5.77
C SER A 247 4.37 0.93 -5.59
N TYR A 248 5.23 1.89 -5.97
CA TYR A 248 6.65 1.77 -5.83
C TYR A 248 7.10 2.85 -4.86
N ALA A 249 6.14 3.47 -4.19
CA ALA A 249 6.45 4.55 -3.26
C ALA A 249 7.23 4.14 -2.01
N LYS A 250 6.95 2.96 -1.48
CA LYS A 250 7.64 2.49 -0.28
C LYS A 250 8.86 1.61 -0.58
N ASN A 251 8.60 0.53 -1.30
CA ASN A 251 9.61 -0.41 -1.67
C ASN A 251 10.80 0.15 -2.47
N MET A 252 10.62 1.29 -3.17
CA MET A 252 11.73 1.95 -3.90
C MET A 252 11.96 3.35 -3.35
N GLY A 253 11.21 3.71 -2.33
CA GLY A 253 11.32 5.03 -1.76
C GLY A 253 11.07 6.13 -2.79
N LEU A 254 10.19 5.85 -3.74
CA LEU A 254 9.84 6.80 -4.79
C LEU A 254 8.66 7.72 -4.43
N TYR A 255 8.31 7.82 -3.14
CA TYR A 255 7.20 8.63 -2.61
C TYR A 255 6.63 9.72 -3.50
N GLY A 256 7.34 10.85 -3.61
CA GLY A 256 6.91 11.99 -4.43
C GLY A 256 7.09 11.82 -5.93
N GLU A 257 7.76 10.77 -6.37
CA GLU A 257 7.91 10.64 -7.81
C GLU A 257 6.62 10.16 -8.45
N ARG A 258 5.81 9.47 -7.66
CA ARG A 258 4.53 8.97 -8.15
C ARG A 258 4.65 7.94 -9.30
N ALA A 259 5.13 6.76 -8.95
CA ALA A 259 5.26 5.68 -9.91
C ALA A 259 4.40 4.52 -9.41
N GLY A 260 3.60 3.90 -10.29
CA GLY A 260 2.76 2.77 -9.91
C GLY A 260 2.12 2.20 -11.16
N ALA A 261 1.37 1.11 -11.05
CA ALA A 261 0.71 0.58 -12.23
C ALA A 261 -0.62 -0.11 -11.92
N PHE A 262 -1.54 -0.14 -12.90
CA PHE A 262 -2.83 -0.84 -12.77
C PHE A 262 -2.87 -1.92 -13.82
N THR A 263 -3.19 -3.14 -13.39
CA THR A 263 -3.24 -4.31 -14.25
C THR A 263 -4.57 -5.05 -14.19
N VAL A 264 -4.95 -5.61 -15.32
CA VAL A 264 -6.17 -6.40 -15.45
C VAL A 264 -5.78 -7.75 -16.06
N ILE A 265 -6.17 -8.89 -15.44
CA ILE A 265 -5.90 -10.20 -16.01
C ILE A 265 -7.12 -10.55 -16.83
N CYS A 266 -6.89 -10.77 -18.13
CA CYS A 266 -7.88 -11.08 -19.15
C CYS A 266 -7.84 -12.54 -19.55
N ARG A 267 -8.66 -12.90 -20.53
CA ARG A 267 -8.78 -14.27 -21.00
C ARG A 267 -7.77 -14.62 -22.10
N ASP A 268 -7.50 -13.64 -22.95
CA ASP A 268 -6.56 -13.78 -24.02
C ASP A 268 -5.86 -12.47 -24.19
N ALA A 269 -4.99 -12.44 -25.20
CA ALA A 269 -4.24 -11.27 -25.57
C ALA A 269 -5.12 -10.33 -26.39
N GLU A 270 -6.08 -10.91 -27.11
CA GLU A 270 -6.99 -10.09 -27.88
C GLU A 270 -7.86 -9.30 -26.94
N GLU A 271 -8.30 -9.94 -25.85
CA GLU A 271 -9.09 -9.24 -24.87
C GLU A 271 -8.28 -8.15 -24.24
N ALA A 272 -7.02 -8.51 -23.94
CA ALA A 272 -6.08 -7.58 -23.36
C ALA A 272 -6.05 -6.32 -24.18
N LYS A 273 -5.92 -6.49 -25.49
CA LYS A 273 -5.84 -5.39 -26.43
C LYS A 273 -7.04 -4.46 -26.35
N ARG A 274 -8.23 -5.06 -26.29
CA ARG A 274 -9.41 -4.25 -26.21
C ARG A 274 -9.51 -3.56 -24.85
N VAL A 275 -9.13 -4.25 -23.78
CA VAL A 275 -9.23 -3.57 -22.50
C VAL A 275 -8.29 -2.36 -22.49
N GLU A 276 -7.16 -2.55 -23.12
CA GLU A 276 -6.14 -1.56 -23.22
C GLU A 276 -6.66 -0.29 -23.89
N SER A 277 -7.33 -0.47 -25.01
CA SER A 277 -7.90 0.65 -25.75
C SER A 277 -8.82 1.52 -24.92
N GLN A 278 -9.58 0.87 -24.06
CA GLN A 278 -10.53 1.57 -23.24
C GLN A 278 -9.91 2.26 -22.03
N LEU A 279 -8.84 1.69 -21.48
CA LEU A 279 -8.17 2.28 -20.34
C LEU A 279 -7.52 3.60 -20.77
N LYS A 280 -6.99 3.58 -21.99
CA LYS A 280 -6.33 4.75 -22.54
C LYS A 280 -7.31 5.89 -22.75
N ILE A 281 -8.50 5.51 -23.21
CA ILE A 281 -9.61 6.43 -23.48
C ILE A 281 -10.07 7.07 -22.17
N LEU A 282 -9.98 6.30 -21.08
CA LEU A 282 -10.31 6.76 -19.73
C LEU A 282 -9.19 7.64 -19.16
N ILE A 283 -7.93 7.27 -19.43
CA ILE A 283 -6.80 8.03 -18.93
C ILE A 283 -6.64 9.37 -19.62
N ARG A 284 -6.78 9.38 -20.95
CA ARG A 284 -6.61 10.57 -21.76
C ARG A 284 -7.23 11.88 -21.20
N PRO A 285 -8.49 11.83 -20.80
CA PRO A 285 -9.15 13.04 -20.30
C PRO A 285 -9.01 13.28 -18.81
N MET A 286 -8.21 12.44 -18.16
CA MET A 286 -7.94 12.57 -16.73
C MET A 286 -6.69 13.41 -16.47
N TYR A 287 -5.59 12.95 -17.09
CA TYR A 287 -4.27 13.58 -17.01
C TYR A 287 -3.47 13.46 -18.29
N SER A 288 -4.05 12.84 -19.34
CA SER A 288 -3.43 12.68 -20.67
C SER A 288 -2.34 11.63 -20.81
N ASN A 289 -1.24 11.81 -20.10
CA ASN A 289 -0.10 10.88 -20.14
C ASN A 289 0.62 10.97 -18.78
N PRO A 290 1.24 9.90 -18.28
CA PRO A 290 1.84 9.89 -16.94
C PRO A 290 3.23 10.53 -16.74
N PRO A 291 3.58 10.85 -15.50
CA PRO A 291 4.88 11.44 -15.16
C PRO A 291 6.03 10.43 -15.39
N MET A 292 7.09 10.88 -16.10
CA MET A 292 8.24 10.07 -16.54
C MET A 292 9.38 9.70 -15.57
N ASN A 293 9.70 10.60 -14.65
CA ASN A 293 10.78 10.39 -13.70
C ASN A 293 10.82 9.06 -12.95
N GLY A 294 9.85 8.84 -12.05
CA GLY A 294 9.76 7.61 -11.23
C GLY A 294 9.75 6.35 -12.07
N ALA A 295 9.07 6.44 -13.23
CA ALA A 295 8.93 5.36 -14.22
C ALA A 295 10.28 5.01 -14.84
N ARG A 296 11.01 6.05 -15.22
CA ARG A 296 12.34 5.87 -15.77
C ARG A 296 13.28 5.23 -14.74
N ILE A 297 13.23 5.70 -13.48
CA ILE A 297 14.05 5.18 -12.40
C ILE A 297 13.74 3.71 -12.13
N ALA A 298 12.46 3.43 -11.90
CA ALA A 298 12.00 2.07 -11.62
C ALA A 298 12.37 1.07 -12.70
N SER A 299 12.12 1.43 -13.97
CA SER A 299 12.43 0.58 -15.12
C SER A 299 13.94 0.22 -15.10
N LEU A 300 14.79 1.24 -15.04
CA LEU A 300 16.25 1.12 -14.97
C LEU A 300 16.64 0.08 -13.90
N ILE A 301 16.09 0.22 -12.69
CA ILE A 301 16.38 -0.71 -11.61
C ILE A 301 15.85 -2.12 -11.90
N LEU A 302 14.58 -2.21 -12.29
CA LEU A 302 13.96 -3.49 -12.57
C LEU A 302 14.62 -4.25 -13.73
N ASN A 303 15.02 -3.51 -14.75
CA ASN A 303 15.60 -4.10 -15.94
C ASN A 303 17.13 -4.25 -16.04
N THR A 304 17.89 -3.77 -15.04
CA THR A 304 19.36 -3.87 -14.99
C THR A 304 19.76 -4.85 -13.87
N PRO A 305 20.13 -6.06 -14.26
CA PRO A 305 20.48 -7.14 -13.35
C PRO A 305 21.20 -6.80 -12.05
N GLU A 306 22.17 -5.92 -12.14
CA GLU A 306 22.96 -5.55 -10.99
C GLU A 306 22.25 -4.57 -10.07
N LEU A 307 21.43 -3.73 -10.68
CA LEU A 307 20.65 -2.76 -9.95
C LEU A 307 19.51 -3.49 -9.24
N ARG A 308 18.94 -4.43 -9.95
CA ARG A 308 17.87 -5.19 -9.39
C ARG A 308 18.30 -5.95 -8.12
N LYS A 309 19.48 -6.58 -8.19
CA LYS A 309 20.00 -7.34 -7.05
C LYS A 309 20.33 -6.45 -5.88
N GLU A 310 20.87 -5.30 -6.24
CA GLU A 310 21.20 -4.32 -5.26
C GLU A 310 19.92 -3.94 -4.51
N TRP A 311 18.89 -3.55 -5.28
CA TRP A 311 17.58 -3.21 -4.77
C TRP A 311 17.04 -4.23 -3.78
N LEU A 312 17.14 -5.54 -4.12
CA LEU A 312 16.64 -6.57 -3.22
C LEU A 312 17.32 -6.59 -1.87
N VAL A 313 18.64 -6.36 -1.87
CA VAL A 313 19.43 -6.32 -0.64
C VAL A 313 18.96 -5.15 0.22
N GLU A 314 18.71 -4.03 -0.47
CA GLU A 314 18.23 -2.81 0.14
C GLU A 314 16.84 -2.99 0.76
N VAL A 315 15.95 -3.75 0.07
CA VAL A 315 14.62 -4.06 0.58
C VAL A 315 14.76 -4.88 1.88
N LYS A 316 15.59 -5.94 1.90
CA LYS A 316 15.81 -6.70 3.14
C LYS A 316 16.28 -5.77 4.26
N GLY A 317 17.26 -4.95 3.92
CA GLY A 317 17.83 -4.04 4.90
C GLY A 317 16.79 -3.19 5.62
N MET A 318 15.83 -2.69 4.84
CA MET A 318 14.74 -1.85 5.32
C MET A 318 13.80 -2.62 6.23
N ALA A 319 13.40 -3.79 5.78
CA ALA A 319 12.49 -4.62 6.54
C ALA A 319 13.11 -5.03 7.86
N ASP A 320 14.36 -5.46 7.78
CA ASP A 320 15.10 -5.90 8.97
C ASP A 320 15.19 -4.79 10.05
N ARG A 321 15.42 -3.56 9.60
CA ARG A 321 15.53 -2.43 10.50
C ARG A 321 14.22 -2.19 11.23
N ILE A 322 13.15 -2.30 10.44
CA ILE A 322 11.82 -2.17 10.99
C ILE A 322 11.68 -3.18 12.11
N ILE A 323 12.02 -4.46 11.86
CA ILE A 323 11.94 -5.56 12.88
C ILE A 323 12.69 -5.19 14.15
N SER A 324 13.84 -4.58 13.93
CA SER A 324 14.74 -4.16 14.97
C SER A 324 14.13 -3.11 15.87
N MET A 325 13.44 -2.15 15.26
CA MET A 325 12.78 -1.08 15.98
C MET A 325 11.59 -1.61 16.82
N ARG A 326 10.86 -2.58 16.24
CA ARG A 326 9.73 -3.21 16.89
C ARG A 326 10.23 -3.86 18.16
N THR A 327 11.31 -4.61 18.00
CA THR A 327 11.94 -5.33 19.08
C THR A 327 12.42 -4.42 20.20
N GLN A 328 13.04 -3.32 19.81
CA GLN A 328 13.54 -2.37 20.78
C GLN A 328 12.44 -1.67 21.49
N LEU A 329 11.38 -1.41 20.75
CA LEU A 329 10.25 -0.74 21.32
C LEU A 329 9.70 -1.55 22.49
N VAL A 330 9.38 -2.82 22.22
CA VAL A 330 8.82 -3.69 23.26
C VAL A 330 9.68 -3.79 24.51
N SER A 331 10.99 -3.86 24.25
CA SER A 331 12.00 -3.97 25.28
C SER A 331 12.11 -2.72 26.12
N ASN A 332 12.00 -1.56 25.47
CA ASN A 332 12.06 -0.31 26.19
C ASN A 332 10.82 -0.17 27.03
N LEU A 333 9.71 -0.63 26.46
CA LEU A 333 8.47 -0.60 27.18
C LEU A 333 8.65 -1.40 28.46
N LYS A 334 9.21 -2.60 28.37
CA LYS A 334 9.40 -3.41 29.57
C LYS A 334 10.32 -2.72 30.59
N LYS A 335 11.40 -2.18 30.07
CA LYS A 335 12.39 -1.46 30.84
C LYS A 335 11.72 -0.28 31.57
N GLU A 336 10.88 0.49 30.86
CA GLU A 336 10.21 1.63 31.48
C GLU A 336 9.21 1.25 32.55
N GLY A 337 8.96 -0.05 32.61
CA GLY A 337 8.05 -0.58 33.60
C GLY A 337 6.61 -0.76 33.17
N SER A 338 6.33 -0.80 31.86
CA SER A 338 4.95 -0.98 31.36
C SER A 338 4.45 -2.37 31.72
N SER A 339 3.18 -2.45 32.15
CA SER A 339 2.53 -3.69 32.54
C SER A 339 1.82 -4.39 31.41
N HIS A 340 1.35 -3.60 30.47
CA HIS A 340 0.61 -4.12 29.35
C HIS A 340 1.34 -5.09 28.49
N ASN A 341 0.55 -5.87 27.82
CA ASN A 341 1.02 -6.83 26.88
C ASN A 341 1.23 -6.04 25.59
N TRP A 342 2.46 -5.98 25.10
CA TRP A 342 2.82 -5.23 23.91
C TRP A 342 3.28 -6.13 22.77
N GLN A 343 2.99 -7.40 22.92
CA GLN A 343 3.38 -8.40 21.96
C GLN A 343 2.87 -8.21 20.53
N HIS A 344 1.76 -7.49 20.35
CA HIS A 344 1.22 -7.23 19.02
C HIS A 344 2.16 -6.34 18.19
N ILE A 345 2.96 -5.56 18.90
CA ILE A 345 3.94 -4.66 18.33
C ILE A 345 4.93 -5.44 17.48
N THR A 346 5.36 -6.58 18.03
CA THR A 346 6.31 -7.47 17.37
C THR A 346 5.64 -8.56 16.53
N ASP A 347 4.35 -8.82 16.75
CA ASP A 347 3.64 -9.82 15.97
C ASP A 347 3.26 -9.24 14.60
N GLN A 348 2.85 -7.98 14.59
CA GLN A 348 2.44 -7.31 13.36
C GLN A 348 3.58 -7.15 12.36
N ILE A 349 3.25 -7.11 11.06
CA ILE A 349 4.26 -6.93 10.01
C ILE A 349 3.97 -5.72 9.16
N GLY A 350 4.98 -5.34 8.35
CA GLY A 350 4.92 -4.20 7.45
C GLY A 350 5.47 -2.96 8.15
N MET A 351 5.02 -1.78 7.73
CA MET A 351 5.48 -0.50 8.27
C MET A 351 4.86 -0.01 9.55
N PHE A 352 3.72 -0.53 9.96
CA PHE A 352 3.09 0.01 11.12
C PHE A 352 2.88 -0.93 12.26
N CYS A 353 2.25 -0.34 13.25
CA CYS A 353 1.79 -1.01 14.42
C CYS A 353 0.42 -0.44 14.76
N PHE A 354 -0.52 -1.34 14.99
CA PHE A 354 -1.87 -1.02 15.37
C PHE A 354 -1.93 -1.26 16.88
N THR A 355 -1.48 -0.24 17.60
CA THR A 355 -1.28 -0.16 19.04
C THR A 355 -2.42 -0.40 20.02
N GLY A 356 -3.63 0.09 19.74
CA GLY A 356 -4.72 -0.06 20.68
C GLY A 356 -5.08 1.23 21.45
N LEU A 357 -4.16 2.20 21.48
CA LEU A 357 -4.38 3.48 22.18
C LEU A 357 -5.72 4.14 21.85
N LYS A 358 -6.38 4.70 22.87
CA LYS A 358 -7.62 5.40 22.65
C LYS A 358 -7.28 6.81 22.25
N PRO A 359 -8.22 7.46 21.63
CA PRO A 359 -8.01 8.80 21.15
C PRO A 359 -7.56 9.84 22.15
N GLU A 360 -7.89 9.64 23.43
CA GLU A 360 -7.45 10.57 24.48
C GLU A 360 -5.93 10.45 24.68
N GLN A 361 -5.42 9.21 24.55
CA GLN A 361 -4.01 8.88 24.70
C GLN A 361 -3.16 9.44 23.56
N VAL A 362 -3.73 9.38 22.37
CA VAL A 362 -3.15 9.91 21.15
C VAL A 362 -2.99 11.43 21.27
N GLU A 363 -4.04 12.09 21.77
CA GLU A 363 -4.07 13.56 21.97
C GLU A 363 -2.92 13.98 22.88
N ARG A 364 -2.78 13.26 23.98
CA ARG A 364 -1.76 13.49 24.95
C ARG A 364 -0.36 13.44 24.36
N LEU A 365 -0.15 12.33 23.66
CA LEU A 365 1.09 12.01 22.96
C LEU A 365 1.58 13.16 22.10
N THR A 366 0.65 13.78 21.42
CA THR A 366 0.96 14.88 20.53
C THR A 366 1.25 16.19 21.24
N LYS A 367 0.45 16.40 22.27
CA LYS A 367 0.48 17.57 23.10
C LYS A 367 1.66 17.64 24.07
N GLU A 368 1.88 16.56 24.83
CA GLU A 368 2.97 16.57 25.78
C GLU A 368 4.31 16.14 25.18
N PHE A 369 4.26 15.22 24.22
CA PHE A 369 5.46 14.67 23.63
C PHE A 369 5.75 15.05 22.19
N SER A 370 4.77 15.58 21.51
CA SER A 370 4.95 15.94 20.14
C SER A 370 5.18 14.73 19.24
N ILE A 371 4.55 13.61 19.63
CA ILE A 371 4.60 12.38 18.82
C ILE A 371 3.32 12.39 17.97
N TYR A 372 3.45 12.46 16.66
CA TYR A 372 2.28 12.51 15.79
C TYR A 372 1.97 11.17 15.17
N MET A 373 0.71 10.74 15.27
CA MET A 373 0.19 9.49 14.71
C MET A 373 -1.28 9.65 14.33
N THR A 374 -1.88 8.69 13.63
CA THR A 374 -3.29 8.81 13.27
C THR A 374 -4.17 8.51 14.48
N LYS A 375 -5.38 9.06 14.47
CA LYS A 375 -6.35 8.93 15.56
C LYS A 375 -6.83 7.54 15.95
N ASP A 376 -6.61 6.55 15.10
CA ASP A 376 -7.07 5.19 15.34
C ASP A 376 -6.08 4.37 16.11
N GLY A 377 -4.97 5.00 16.48
CA GLY A 377 -3.94 4.30 17.24
C GLY A 377 -2.85 3.67 16.39
N ARG A 378 -2.86 3.95 15.09
CA ARG A 378 -1.87 3.42 14.17
C ARG A 378 -0.59 4.27 14.21
N ILE A 379 0.58 3.63 14.37
CA ILE A 379 1.83 4.38 14.35
C ILE A 379 2.75 3.78 13.31
N SER A 380 3.63 4.64 12.80
CA SER A 380 4.63 4.25 11.81
C SER A 380 5.97 3.92 12.47
N VAL A 381 6.18 2.62 12.69
CA VAL A 381 7.35 2.05 13.31
C VAL A 381 8.58 2.26 12.42
N ALA A 382 8.29 2.33 11.11
CA ALA A 382 9.29 2.55 10.09
C ALA A 382 10.05 3.87 10.23
N GLY A 383 9.38 4.84 10.86
CA GLY A 383 9.95 6.17 11.05
C GLY A 383 10.60 6.36 12.42
N VAL A 384 10.92 5.24 13.08
CA VAL A 384 11.56 5.23 14.40
C VAL A 384 13.05 4.95 14.23
N ALA A 385 13.92 5.66 14.98
CA ALA A 385 15.38 5.48 14.88
C ALA A 385 15.98 5.05 16.20
N SER A 386 17.21 4.51 16.19
CA SER A 386 17.83 4.04 17.42
C SER A 386 17.88 5.09 18.49
N SER A 387 17.98 6.33 18.04
CA SER A 387 18.07 7.45 18.94
C SER A 387 16.77 7.90 19.56
N ASN A 388 15.63 7.54 19.01
CA ASN A 388 14.42 8.01 19.64
C ASN A 388 13.47 6.92 20.03
N VAL A 389 13.94 5.66 19.93
CA VAL A 389 13.05 4.59 20.34
C VAL A 389 12.75 4.69 21.85
N GLY A 390 13.73 5.15 22.61
CA GLY A 390 13.59 5.31 24.06
C GLY A 390 12.59 6.40 24.41
N TYR A 391 12.69 7.56 23.74
CA TYR A 391 11.74 8.64 23.98
C TYR A 391 10.31 8.11 23.75
N LEU A 392 10.11 7.38 22.62
CA LEU A 392 8.82 6.76 22.21
C LEU A 392 8.25 5.87 23.32
N ALA A 393 9.05 4.92 23.75
CA ALA A 393 8.60 4.01 24.77
C ALA A 393 8.25 4.71 26.06
N HIS A 394 8.99 5.75 26.37
CA HIS A 394 8.71 6.47 27.60
C HIS A 394 7.38 7.19 27.53
N ALA A 395 7.07 7.69 26.35
CA ALA A 395 5.85 8.42 26.13
C ALA A 395 4.69 7.47 26.19
N ILE A 396 4.82 6.37 25.45
CA ILE A 396 3.78 5.37 25.40
C ILE A 396 3.44 4.88 26.78
N HIS A 397 4.49 4.70 27.56
CA HIS A 397 4.34 4.24 28.91
C HIS A 397 3.65 5.30 29.77
N GLN A 398 4.13 6.54 29.71
CA GLN A 398 3.53 7.60 30.52
C GLN A 398 2.03 7.74 30.33
N VAL A 399 1.64 7.78 29.09
CA VAL A 399 0.27 7.98 28.66
C VAL A 399 -0.66 6.77 28.86
N THR A 400 -0.04 5.63 29.12
CA THR A 400 -0.68 4.34 29.30
C THR A 400 -0.58 3.79 30.73
N LYS A 401 0.38 4.33 31.47
CA LYS A 401 0.69 4.01 32.86
C LYS A 401 -0.60 3.89 33.65
#